data_3C3R
#
_entry.id   3C3R
#
_cell.length_a   120.907
_cell.length_b   62.402
_cell.length_c   76.354
_cell.angle_alpha   90.00
_cell.angle_beta   121.62
_cell.angle_gamma   90.00
#
_symmetry.space_group_name_H-M   'C 1 2 1'
#
loop_
_entity.id
_entity.type
_entity.pdbx_description
1 polymer 'Programmed cell death 6-interacting protein'
2 polymer 'Charged multivesicular body protein 4c peptide'
3 non-polymer GLYCEROL
4 water water
#
loop_
_entity_poly.entity_id
_entity_poly.type
_entity_poly.pdbx_seq_one_letter_code
_entity_poly.pdbx_strand_id
1 'polypeptide(L)'
;MHHHHHHHHHHSGQNLYFQGHMATFISVQLKKTSEVDLAKPLVKFIQQTYPSGGEEQAQYCRAAEELSKLRRAAVGRPLD
KHEGALETLLRYYDQICSIEPKFPFSENQICLTFTWKDAFDKGSLFGGSVKLALASLGYEKSCVLFNCAALASQIAAEQN
LDNDEGLKIAAKHYQFASGAFLHIKETVLSALSREPTVDISPDTVGTLSLIMLAQAQEVFFLKATRDKMKDAIIAKLANQ
AADYFGDAFKQCQYKDTLPKEVFPVLAAKHCIMQANAEYHQSILAKQQKKFGEEIARLQHAAELIKTVASRYDEYVNVKD
FSDKINRALAAAKKDNDFIYHDRVPDLKDLDPIGKATLVKSTPVNVPISQKFTDLFEKMV
;
A
2 'polypeptide(L)' EDDDIKQLAAWAT B
#
loop_
_chem_comp.id
_chem_comp.type
_chem_comp.name
_chem_comp.formula
GOL non-polymer GLYCEROL 'C3 H8 O3'
#
# COMPACT_ATOMS: atom_id res chain seq x y z
N ALA A 23 10.88 9.72 -8.48
CA ALA A 23 9.59 9.23 -7.86
C ALA A 23 9.78 8.77 -6.39
N THR A 24 9.10 9.47 -5.48
CA THR A 24 9.27 9.35 -4.03
C THR A 24 8.10 8.60 -3.35
N PHE A 25 7.73 7.44 -3.90
CA PHE A 25 6.72 6.57 -3.32
C PHE A 25 7.33 5.50 -2.41
N ILE A 26 6.67 5.23 -1.28
CA ILE A 26 7.05 4.17 -0.38
C ILE A 26 6.58 2.77 -0.89
N SER A 27 7.53 1.84 -0.89
CA SER A 27 7.24 0.44 -1.11
C SER A 27 7.91 -0.36 0.00
N VAL A 28 7.57 -1.64 0.06
CA VAL A 28 7.94 -2.53 1.19
C VAL A 28 8.73 -3.71 0.60
N GLN A 29 9.83 -4.05 1.26
CA GLN A 29 10.69 -5.16 0.90
C GLN A 29 10.05 -6.46 1.30
N LEU A 30 10.33 -7.50 0.51
CA LEU A 30 9.77 -8.80 0.71
C LEU A 30 10.36 -9.50 1.94
N LYS A 31 9.55 -10.34 2.59
CA LYS A 31 10.06 -11.19 3.67
C LYS A 31 10.85 -12.39 3.10
N LYS A 32 12.01 -12.66 3.68
CA LYS A 32 12.80 -13.87 3.35
C LYS A 32 12.35 -15.12 4.13
N THR A 33 12.49 -16.29 3.49
CA THR A 33 12.08 -17.57 4.09
C THR A 33 13.02 -18.66 3.61
N SER A 34 13.42 -19.55 4.51
CA SER A 34 14.27 -20.67 4.06
C SER A 34 13.42 -21.75 3.38
N GLU A 35 14.02 -22.45 2.43
CA GLU A 35 13.33 -23.50 1.67
C GLU A 35 12.81 -24.60 2.58
N VAL A 36 11.62 -25.10 2.28
CA VAL A 36 11.05 -26.22 3.02
C VAL A 36 10.54 -27.29 2.06
N ASP A 37 10.76 -28.55 2.43
CA ASP A 37 10.14 -29.69 1.77
C ASP A 37 8.69 -29.88 2.24
N LEU A 38 7.75 -29.26 1.52
CA LEU A 38 6.33 -29.38 1.82
C LEU A 38 5.78 -30.77 1.56
N ALA A 39 6.41 -31.47 0.61
CA ALA A 39 5.88 -32.72 0.08
C ALA A 39 5.82 -33.81 1.14
N LYS A 40 6.97 -34.15 1.72
CA LYS A 40 7.10 -35.31 2.61
C LYS A 40 6.09 -35.33 3.77
N PRO A 41 6.11 -34.34 4.65
CA PRO A 41 5.16 -34.29 5.77
C PRO A 41 3.68 -34.38 5.36
N LEU A 42 3.39 -34.16 4.08
CA LEU A 42 2.04 -34.33 3.54
C LEU A 42 1.86 -35.75 2.98
N VAL A 43 2.80 -36.15 2.12
CA VAL A 43 2.90 -37.52 1.58
C VAL A 43 2.56 -38.59 2.63
N LYS A 44 3.24 -38.54 3.78
CA LYS A 44 3.03 -39.50 4.86
C LYS A 44 1.67 -39.35 5.52
N PHE A 45 1.20 -38.11 5.65
CA PHE A 45 -0.09 -37.81 6.27
C PHE A 45 -1.28 -38.13 5.35
N ILE A 46 -0.99 -38.32 4.06
CA ILE A 46 -2.00 -38.77 3.09
C ILE A 46 -2.16 -40.29 3.20
N GLN A 47 -1.04 -41.00 3.04
CA GLN A 47 -0.99 -42.46 3.01
C GLN A 47 -1.42 -43.12 4.33
N GLN A 48 -1.67 -42.30 5.35
CA GLN A 48 -2.25 -42.77 6.59
C GLN A 48 -3.75 -43.04 6.42
N THR A 49 -4.48 -42.02 5.96
CA THR A 49 -5.93 -42.13 5.75
C THR A 49 -6.27 -42.41 4.28
N TYR A 50 -5.27 -42.85 3.52
CA TYR A 50 -5.45 -43.32 2.15
C TYR A 50 -4.64 -44.62 1.95
N PRO A 51 -5.29 -45.76 2.21
CA PRO A 51 -4.62 -47.07 2.20
C PRO A 51 -4.18 -47.55 0.81
N SER A 52 -5.04 -47.39 -0.19
CA SER A 52 -4.75 -47.81 -1.57
C SER A 52 -3.49 -47.14 -2.12
N GLY A 53 -2.38 -47.86 -2.00
CA GLY A 53 -1.08 -47.39 -2.50
C GLY A 53 -0.83 -47.83 -3.93
N GLY A 54 -1.72 -47.42 -4.82
CA GLY A 54 -1.64 -47.76 -6.25
C GLY A 54 -2.51 -46.88 -7.12
N GLU A 55 -1.96 -45.73 -7.51
CA GLU A 55 -2.53 -44.80 -8.51
C GLU A 55 -3.46 -43.70 -7.97
N GLU A 56 -4.74 -44.03 -7.71
CA GLU A 56 -5.79 -43.03 -7.43
C GLU A 56 -5.60 -42.19 -6.15
N GLN A 57 -5.51 -42.85 -4.99
CA GLN A 57 -5.39 -42.16 -3.71
C GLN A 57 -3.95 -41.72 -3.41
N ALA A 58 -3.00 -42.27 -4.14
CA ALA A 58 -1.59 -41.85 -4.06
C ALA A 58 -1.24 -40.96 -5.25
N GLN A 59 -2.24 -40.25 -5.77
CA GLN A 59 -2.04 -39.22 -6.78
C GLN A 59 -2.13 -37.83 -6.15
N TYR A 60 -2.74 -37.77 -4.96
CA TYR A 60 -2.68 -36.59 -4.10
C TYR A 60 -1.23 -36.32 -3.71
N CYS A 61 -0.43 -37.39 -3.68
CA CYS A 61 1.00 -37.30 -3.39
C CYS A 61 1.80 -36.66 -4.53
N ARG A 62 1.19 -36.56 -5.71
CA ARG A 62 1.82 -35.90 -6.87
C ARG A 62 1.37 -34.45 -6.99
N ALA A 63 0.16 -34.18 -6.49
CA ALA A 63 -0.37 -32.83 -6.39
C ALA A 63 0.30 -32.11 -5.21
N ALA A 64 0.66 -32.88 -4.18
CA ALA A 64 1.47 -32.36 -3.06
C ALA A 64 2.90 -32.07 -3.47
N GLU A 65 3.30 -32.61 -4.62
CA GLU A 65 4.61 -32.32 -5.19
C GLU A 65 4.60 -30.99 -5.96
N GLU A 66 3.44 -30.66 -6.53
CA GLU A 66 3.24 -29.41 -7.26
C GLU A 66 3.15 -28.24 -6.28
N LEU A 67 2.51 -28.47 -5.14
CA LEU A 67 2.42 -27.52 -4.03
C LEU A 67 3.78 -27.12 -3.44
N SER A 68 4.70 -28.08 -3.34
CA SER A 68 6.02 -27.80 -2.78
C SER A 68 6.79 -27.01 -3.79
N LYS A 69 6.52 -27.31 -5.05
CA LYS A 69 7.13 -26.62 -6.19
C LYS A 69 6.62 -25.17 -6.27
N LEU A 70 5.33 -25.01 -5.98
CA LEU A 70 4.67 -23.70 -5.94
C LEU A 70 5.25 -22.82 -4.82
N ARG A 71 5.44 -23.38 -3.64
CA ARG A 71 6.10 -22.64 -2.57
C ARG A 71 7.45 -22.11 -3.02
N ARG A 72 8.25 -22.95 -3.67
CA ARG A 72 9.59 -22.55 -4.11
C ARG A 72 9.54 -21.55 -5.25
N ALA A 73 8.49 -21.61 -6.05
CA ALA A 73 8.32 -20.65 -7.13
C ALA A 73 7.90 -19.28 -6.52
N ALA A 74 6.84 -19.29 -5.69
CA ALA A 74 6.32 -18.09 -4.99
C ALA A 74 7.34 -17.37 -4.11
N VAL A 75 7.97 -18.09 -3.19
CA VAL A 75 8.86 -17.47 -2.19
C VAL A 75 10.36 -17.73 -2.34
N GLY A 76 10.75 -18.54 -3.33
CA GLY A 76 12.16 -18.89 -3.51
C GLY A 76 12.94 -18.12 -4.58
N ARG A 77 12.29 -17.79 -5.70
CA ARG A 77 12.97 -17.18 -6.88
C ARG A 77 13.63 -15.78 -6.61
N PRO A 78 14.67 -15.44 -7.40
CA PRO A 78 15.23 -14.09 -7.41
C PRO A 78 14.13 -13.07 -7.72
N LEU A 79 14.12 -11.95 -7.02
CA LEU A 79 12.94 -11.10 -7.05
C LEU A 79 12.58 -10.43 -8.37
N ASP A 80 11.37 -10.75 -8.80
CA ASP A 80 10.77 -10.28 -10.02
C ASP A 80 9.68 -9.28 -9.61
N LYS A 81 9.90 -8.00 -9.91
CA LYS A 81 8.92 -6.93 -9.63
C LYS A 81 7.89 -6.87 -10.74
N HIS A 82 7.30 -8.02 -11.05
CA HIS A 82 6.40 -8.14 -12.19
C HIS A 82 5.14 -8.90 -11.81
N GLU A 83 4.11 -8.77 -12.64
CA GLU A 83 2.78 -9.33 -12.34
C GLU A 83 2.79 -10.84 -12.29
N GLY A 84 3.78 -11.41 -12.98
CA GLY A 84 3.98 -12.86 -13.11
C GLY A 84 4.33 -13.44 -11.75
N ALA A 85 5.32 -12.83 -11.11
CA ALA A 85 5.66 -13.13 -9.72
C ALA A 85 4.53 -12.89 -8.75
N LEU A 86 3.77 -11.80 -8.92
CA LEU A 86 2.64 -11.53 -8.00
C LEU A 86 1.57 -12.59 -8.07
N GLU A 87 1.10 -12.92 -9.27
CA GLU A 87 0.08 -13.98 -9.39
C GLU A 87 0.51 -15.35 -8.83
N THR A 88 1.80 -15.67 -8.89
CA THR A 88 2.36 -16.89 -8.30
C THR A 88 2.18 -16.88 -6.78
N LEU A 89 2.69 -15.81 -6.18
CA LEU A 89 2.45 -15.48 -4.79
C LEU A 89 1.00 -15.54 -4.41
N LEU A 90 0.10 -14.96 -5.20
CA LEU A 90 -1.36 -15.00 -4.88
C LEU A 90 -2.00 -16.42 -4.98
N ARG A 91 -1.53 -17.18 -5.98
CA ARG A 91 -1.93 -18.58 -6.18
C ARG A 91 -1.55 -19.42 -4.97
N TYR A 92 -0.30 -19.25 -4.54
CA TYR A 92 0.20 -19.93 -3.38
C TYR A 92 -0.59 -19.57 -2.10
N TYR A 93 -0.87 -18.28 -1.87
CA TYR A 93 -1.79 -17.87 -0.77
C TYR A 93 -3.12 -18.61 -0.88
N ASP A 94 -3.69 -18.63 -2.07
CA ASP A 94 -5.00 -19.25 -2.30
C ASP A 94 -4.95 -20.75 -1.95
N GLN A 95 -3.90 -21.41 -2.43
CA GLN A 95 -3.69 -22.84 -2.21
C GLN A 95 -3.61 -23.17 -0.73
N ILE A 96 -2.82 -22.40 0.02
CA ILE A 96 -2.67 -22.63 1.47
C ILE A 96 -4.00 -22.52 2.20
N CYS A 97 -4.86 -21.63 1.74
CA CYS A 97 -6.15 -21.45 2.40
C CYS A 97 -7.03 -22.70 2.17
N SER A 98 -6.84 -23.33 1.01
CA SER A 98 -7.58 -24.53 0.60
C SER A 98 -7.09 -25.84 1.26
N ILE A 99 -5.89 -25.78 1.83
CA ILE A 99 -5.21 -26.94 2.41
C ILE A 99 -5.47 -27.04 3.92
N GLU A 100 -5.93 -25.95 4.51
CA GLU A 100 -6.13 -25.84 5.95
C GLU A 100 -7.20 -26.77 6.53
N PRO A 101 -8.33 -26.98 5.83
CA PRO A 101 -9.33 -27.94 6.28
C PRO A 101 -8.98 -29.41 5.98
N LYS A 102 -8.33 -29.63 4.84
CA LYS A 102 -7.98 -30.98 4.35
C LYS A 102 -7.20 -31.78 5.39
N PHE A 103 -6.14 -31.17 5.91
CA PHE A 103 -5.35 -31.76 6.98
C PHE A 103 -5.58 -30.89 8.22
N PRO A 104 -6.60 -31.22 9.03
CA PRO A 104 -7.03 -30.36 10.16
C PRO A 104 -5.87 -29.88 11.02
N PHE A 105 -5.53 -28.59 10.89
CA PHE A 105 -4.35 -28.01 11.54
C PHE A 105 -4.62 -27.33 12.89
N SER A 106 -5.88 -27.32 13.33
CA SER A 106 -6.25 -26.79 14.65
C SER A 106 -5.59 -27.59 15.80
N GLU A 107 -5.87 -28.90 15.84
CA GLU A 107 -5.09 -29.83 16.66
C GLU A 107 -3.89 -30.32 15.82
N ASN A 108 -2.68 -30.08 16.32
CA ASN A 108 -1.48 -30.37 15.54
C ASN A 108 -1.17 -31.86 15.48
N GLN A 109 -1.04 -32.37 14.25
CA GLN A 109 -0.67 -33.77 13.98
C GLN A 109 0.39 -33.84 12.88
N ILE A 110 0.55 -32.74 12.13
CA ILE A 110 1.61 -32.60 11.13
C ILE A 110 2.75 -31.75 11.69
N CYS A 111 3.99 -32.19 11.46
CA CYS A 111 5.14 -31.36 11.78
C CYS A 111 5.70 -30.72 10.50
N LEU A 112 5.49 -29.41 10.39
CA LEU A 112 6.02 -28.60 9.30
C LEU A 112 6.40 -27.24 9.87
N THR A 113 7.68 -26.89 9.79
CA THR A 113 8.15 -25.64 10.38
C THR A 113 8.60 -24.62 9.34
N PHE A 114 7.87 -23.51 9.26
CA PHE A 114 8.24 -22.41 8.37
C PHE A 114 9.07 -21.35 9.10
N THR A 115 10.12 -20.91 8.42
CA THR A 115 11.10 -19.98 8.98
C THR A 115 11.16 -18.73 8.11
N TRP A 116 10.68 -17.63 8.68
CA TRP A 116 10.62 -16.36 7.98
C TRP A 116 11.41 -15.32 8.76
N LYS A 117 12.18 -14.49 8.05
CA LYS A 117 12.97 -13.41 8.65
C LYS A 117 12.15 -12.12 8.62
N ASP A 118 12.39 -11.25 9.61
CA ASP A 118 11.66 -9.96 9.71
C ASP A 118 11.98 -9.04 8.54
N ALA A 119 10.96 -8.45 7.91
CA ALA A 119 11.16 -7.61 6.72
C ALA A 119 12.01 -6.36 7.00
N PHE A 120 11.93 -5.85 8.23
CA PHE A 120 12.57 -4.59 8.57
C PHE A 120 13.70 -4.68 9.55
N ASP A 121 13.59 -5.62 10.51
CA ASP A 121 14.59 -5.74 11.57
C ASP A 121 15.87 -6.35 11.04
N LYS A 122 16.78 -5.45 10.72
CA LYS A 122 18.19 -5.74 10.50
C LYS A 122 18.65 -6.88 11.42
N GLY A 123 18.16 -6.84 12.66
CA GLY A 123 18.65 -7.69 13.74
C GLY A 123 20.02 -7.16 14.12
N SER A 124 20.36 -7.21 15.41
CA SER A 124 21.70 -6.79 15.81
C SER A 124 22.75 -7.63 15.08
N LEU A 125 23.70 -6.95 14.45
CA LEU A 125 24.83 -7.62 13.80
C LEU A 125 25.78 -8.20 14.85
N PHE A 126 25.44 -8.00 16.13
CA PHE A 126 26.05 -8.68 17.27
C PHE A 126 25.36 -10.04 17.50
N GLY A 127 25.11 -10.76 16.41
CA GLY A 127 24.52 -12.11 16.45
C GLY A 127 23.08 -12.24 16.01
N GLY A 128 22.88 -12.73 14.79
CA GLY A 128 21.55 -13.12 14.28
C GLY A 128 20.54 -12.02 13.93
N SER A 129 19.79 -12.26 12.84
CA SER A 129 18.66 -11.41 12.45
C SER A 129 17.44 -11.73 13.30
N VAL A 130 16.28 -11.20 12.90
CA VAL A 130 15.07 -11.52 13.63
C VAL A 130 14.23 -12.53 12.84
N LYS A 131 14.32 -13.78 13.30
CA LYS A 131 13.67 -14.92 12.63
C LYS A 131 12.63 -15.53 13.57
N LEU A 132 11.58 -16.06 12.98
CA LEU A 132 10.54 -16.72 13.75
C LEU A 132 10.14 -17.99 12.97
N ALA A 133 10.39 -19.15 13.59
CA ALA A 133 10.02 -20.45 13.06
C ALA A 133 8.76 -20.94 13.78
N LEU A 134 7.79 -21.41 13.02
CA LEU A 134 6.52 -21.82 13.63
C LEU A 134 5.88 -22.91 12.76
N ALA A 135 5.56 -24.05 13.38
CA ALA A 135 4.83 -25.10 12.69
C ALA A 135 3.37 -24.69 12.51
N SER A 136 3.13 -23.77 11.59
CA SER A 136 1.82 -23.11 11.51
C SER A 136 1.47 -22.71 10.09
N LEU A 137 0.31 -23.17 9.62
CA LEU A 137 -0.25 -22.71 8.36
C LEU A 137 -0.72 -21.26 8.49
N GLY A 138 -1.25 -20.94 9.68
CA GLY A 138 -1.58 -19.57 10.06
C GLY A 138 -0.46 -18.57 9.81
N TYR A 139 0.76 -18.90 10.24
CA TYR A 139 1.94 -18.02 10.16
C TYR A 139 2.52 -17.91 8.77
N GLU A 140 2.47 -19.04 8.06
CA GLU A 140 2.94 -19.09 6.69
C GLU A 140 2.04 -18.22 5.83
N LYS A 141 0.72 -18.39 5.95
CA LYS A 141 -0.16 -17.63 5.06
C LYS A 141 -0.17 -16.12 5.36
N SER A 142 0.32 -15.77 6.56
CA SER A 142 0.41 -14.40 6.98
C SER A 142 1.56 -13.72 6.34
N CYS A 143 2.70 -14.41 6.30
CA CYS A 143 3.94 -13.88 5.72
C CYS A 143 3.91 -13.88 4.21
N VAL A 144 3.25 -14.89 3.66
CA VAL A 144 2.90 -14.98 2.25
C VAL A 144 2.07 -13.77 1.84
N LEU A 145 1.01 -13.50 2.60
CA LEU A 145 0.14 -12.39 2.30
C LEU A 145 0.89 -11.08 2.42
N PHE A 146 1.84 -11.01 3.38
CA PHE A 146 2.72 -9.85 3.55
C PHE A 146 3.49 -9.59 2.26
N ASN A 147 4.15 -10.65 1.73
CA ASN A 147 4.87 -10.57 0.47
C ASN A 147 3.97 -10.27 -0.71
N CYS A 148 2.72 -10.73 -0.74
CA CYS A 148 1.82 -10.29 -1.79
C CYS A 148 1.63 -8.78 -1.74
N ALA A 149 1.52 -8.24 -0.52
CA ALA A 149 1.23 -6.83 -0.28
C ALA A 149 2.42 -6.01 -0.68
N ALA A 150 3.59 -6.48 -0.30
CA ALA A 150 4.88 -5.81 -0.50
C ALA A 150 5.37 -5.80 -1.99
N LEU A 151 5.25 -6.94 -2.68
CA LEU A 151 5.31 -6.96 -4.14
C LEU A 151 4.27 -6.06 -4.80
N ALA A 152 2.99 -6.17 -4.47
CA ALA A 152 2.05 -5.21 -5.05
C ALA A 152 2.48 -3.76 -4.92
N SER A 153 3.13 -3.43 -3.80
CA SER A 153 3.49 -2.05 -3.42
C SER A 153 4.69 -1.62 -4.29
N GLN A 154 5.57 -2.59 -4.56
CA GLN A 154 6.75 -2.34 -5.38
C GLN A 154 6.41 -2.16 -6.87
N ILE A 155 5.48 -2.94 -7.38
CA ILE A 155 5.03 -2.79 -8.76
C ILE A 155 4.31 -1.43 -8.89
N ALA A 156 3.46 -1.11 -7.93
CA ALA A 156 2.73 0.16 -7.92
C ALA A 156 3.71 1.32 -8.03
N ALA A 157 4.78 1.29 -7.22
CA ALA A 157 5.74 2.41 -7.16
C ALA A 157 6.69 2.56 -8.36
N GLU A 158 6.76 1.52 -9.19
CA GLU A 158 7.63 1.54 -10.36
C GLU A 158 6.86 1.93 -11.60
N GLN A 159 5.57 2.21 -11.45
CA GLN A 159 4.75 2.63 -12.57
C GLN A 159 5.09 4.02 -13.10
N ASN A 160 4.65 4.27 -14.32
CA ASN A 160 4.93 5.52 -14.98
C ASN A 160 3.68 6.30 -14.78
N LEU A 161 3.75 7.36 -13.99
CA LEU A 161 2.51 8.06 -13.64
C LEU A 161 2.12 9.15 -14.66
N ASP A 162 3.06 9.46 -15.56
CA ASP A 162 2.82 10.29 -16.77
C ASP A 162 2.20 9.43 -17.90
N ASN A 163 1.57 8.32 -17.51
CA ASN A 163 0.90 7.40 -18.44
C ASN A 163 -0.36 6.89 -17.77
N ASP A 164 -1.49 6.93 -18.47
CA ASP A 164 -2.79 6.59 -17.86
C ASP A 164 -2.97 5.16 -17.37
N GLU A 165 -2.32 4.20 -18.05
CA GLU A 165 -2.38 2.82 -17.61
C GLU A 165 -1.45 2.60 -16.40
N GLY A 166 -0.29 3.26 -16.40
CA GLY A 166 0.61 3.34 -15.25
C GLY A 166 -0.16 3.78 -14.01
N LEU A 167 -0.92 4.86 -14.17
CA LEU A 167 -1.79 5.36 -13.12
C LEU A 167 -2.79 4.31 -12.67
N LYS A 168 -3.44 3.66 -13.62
CA LYS A 168 -4.47 2.68 -13.28
C LYS A 168 -3.89 1.49 -12.54
N ILE A 169 -2.70 1.04 -12.96
CA ILE A 169 -1.97 -0.08 -12.33
C ILE A 169 -1.65 0.26 -10.87
N ALA A 170 -0.95 1.39 -10.65
CA ALA A 170 -0.62 1.90 -9.27
C ALA A 170 -1.82 1.98 -8.34
N ALA A 171 -2.86 2.68 -8.76
CA ALA A 171 -4.10 2.80 -7.99
C ALA A 171 -4.66 1.45 -7.57
N LYS A 172 -4.71 0.53 -8.53
CA LYS A 172 -5.10 -0.86 -8.30
C LYS A 172 -4.14 -1.61 -7.35
N HIS A 173 -2.83 -1.52 -7.56
CA HIS A 173 -1.94 -2.27 -6.68
C HIS A 173 -1.84 -1.71 -5.23
N TYR A 174 -1.98 -0.38 -5.07
CA TYR A 174 -1.89 0.26 -3.76
C TYR A 174 -3.10 -0.12 -2.95
N GLN A 175 -4.25 -0.17 -3.60
CA GLN A 175 -5.49 -0.57 -2.89
C GLN A 175 -5.43 -2.04 -2.54
N PHE A 176 -4.99 -2.88 -3.47
CA PHE A 176 -4.76 -4.31 -3.10
C PHE A 176 -3.92 -4.42 -1.83
N ALA A 177 -2.73 -3.82 -1.84
CA ALA A 177 -1.76 -3.94 -0.77
C ALA A 177 -2.25 -3.39 0.54
N SER A 178 -2.87 -2.22 0.46
CA SER A 178 -3.50 -1.65 1.61
C SER A 178 -4.44 -2.66 2.25
N GLY A 179 -5.27 -3.29 1.43
CA GLY A 179 -6.30 -4.21 1.94
C GLY A 179 -5.67 -5.51 2.44
N ALA A 180 -4.50 -5.85 1.90
CA ALA A 180 -3.78 -7.07 2.31
C ALA A 180 -3.05 -6.87 3.64
N PHE A 181 -2.45 -5.71 3.85
CA PHE A 181 -1.87 -5.36 5.17
C PHE A 181 -2.96 -5.30 6.24
N LEU A 182 -4.08 -4.74 5.89
CA LEU A 182 -5.19 -4.70 6.82
C LEU A 182 -5.71 -6.11 7.16
N HIS A 183 -5.68 -7.02 6.21
CA HIS A 183 -6.14 -8.37 6.50
C HIS A 183 -5.24 -9.05 7.50
N ILE A 184 -3.93 -8.90 7.33
CA ILE A 184 -2.97 -9.41 8.29
C ILE A 184 -3.19 -8.79 9.68
N LYS A 185 -3.36 -7.46 9.73
CA LYS A 185 -3.63 -6.75 11.00
C LYS A 185 -4.74 -7.41 11.78
N GLU A 186 -5.88 -7.63 11.12
CA GLU A 186 -7.04 -8.23 11.75
C GLU A 186 -6.79 -9.67 12.19
N THR A 187 -5.79 -10.30 11.58
CA THR A 187 -5.72 -11.75 11.54
C THR A 187 -4.50 -12.35 12.22
N VAL A 188 -3.37 -11.67 12.19
CA VAL A 188 -2.11 -12.28 12.65
C VAL A 188 -2.23 -12.97 14.01
N LEU A 189 -2.81 -12.27 14.98
CA LEU A 189 -2.78 -12.70 16.38
C LEU A 189 -3.50 -14.03 16.59
N SER A 190 -4.73 -14.08 16.07
CA SER A 190 -5.53 -15.29 16.02
C SER A 190 -4.87 -16.48 15.30
N ALA A 191 -4.18 -16.18 14.20
CA ALA A 191 -3.62 -17.20 13.30
C ALA A 191 -2.32 -17.80 13.82
N LEU A 192 -1.68 -17.11 14.75
CA LEU A 192 -0.39 -17.54 15.27
C LEU A 192 -0.55 -18.06 16.69
N SER A 193 0.46 -18.81 17.16
CA SER A 193 0.50 -19.18 18.57
C SER A 193 1.25 -18.11 19.39
N ARG A 194 2.38 -17.65 18.86
CA ARG A 194 3.25 -16.70 19.56
C ARG A 194 2.93 -15.22 19.31
N GLU A 195 3.67 -14.34 19.99
CA GLU A 195 3.74 -12.92 19.65
C GLU A 195 4.51 -12.86 18.31
N PRO A 196 3.91 -12.26 17.26
CA PRO A 196 4.52 -12.23 15.90
C PRO A 196 5.86 -11.48 15.85
N THR A 197 6.49 -11.45 14.68
CA THR A 197 7.63 -10.54 14.54
C THR A 197 7.02 -9.13 14.45
N VAL A 198 7.82 -8.09 14.68
CA VAL A 198 7.33 -6.70 14.57
C VAL A 198 6.78 -6.37 13.18
N ASP A 199 7.47 -6.81 12.14
CA ASP A 199 7.06 -6.49 10.77
C ASP A 199 5.61 -6.89 10.46
N ILE A 200 5.18 -8.06 10.92
CA ILE A 200 3.74 -8.45 10.75
C ILE A 200 2.80 -8.17 11.94
N SER A 201 3.30 -7.53 13.00
CA SER A 201 2.42 -7.19 14.13
C SER A 201 1.32 -6.20 13.70
N PRO A 202 0.17 -6.18 14.37
CA PRO A 202 -0.96 -5.36 13.90
C PRO A 202 -0.68 -3.87 13.73
N ASP A 203 0.20 -3.33 14.56
CA ASP A 203 0.57 -1.92 14.56
C ASP A 203 1.42 -1.51 13.33
N THR A 204 2.48 -2.24 13.05
CA THR A 204 3.27 -2.05 11.85
C THR A 204 2.50 -2.16 10.54
N VAL A 205 1.68 -3.20 10.50
CA VAL A 205 0.97 -3.60 9.32
C VAL A 205 -0.28 -2.71 9.14
N GLY A 206 -0.89 -2.25 10.24
CA GLY A 206 -1.89 -1.17 10.17
C GLY A 206 -1.35 0.13 9.60
N THR A 207 -0.13 0.51 9.96
CA THR A 207 0.49 1.71 9.43
C THR A 207 0.83 1.57 7.92
N LEU A 208 1.48 0.47 7.51
CA LEU A 208 1.65 0.14 6.06
C LEU A 208 0.37 0.17 5.25
N SER A 209 -0.69 -0.37 5.82
CA SER A 209 -1.94 -0.31 5.16
C SER A 209 -2.31 1.14 4.79
N LEU A 210 -2.20 2.02 5.78
CA LEU A 210 -2.57 3.45 5.67
C LEU A 210 -1.67 4.17 4.71
N ILE A 211 -0.39 3.88 4.82
CA ILE A 211 0.49 4.42 3.83
C ILE A 211 0.05 4.02 2.38
N MET A 212 -0.25 2.75 2.12
CA MET A 212 -0.61 2.32 0.74
C MET A 212 -1.92 2.97 0.31
N LEU A 213 -2.82 3.14 1.25
CA LEU A 213 -4.04 3.86 0.97
C LEU A 213 -3.80 5.35 0.59
N ALA A 214 -2.86 6.00 1.30
CA ALA A 214 -2.43 7.39 1.02
C ALA A 214 -1.90 7.58 -0.38
N GLN A 215 -1.09 6.61 -0.80
CA GLN A 215 -0.44 6.60 -2.12
C GLN A 215 -1.47 6.25 -3.18
N ALA A 216 -2.46 5.46 -2.84
CA ALA A 216 -3.53 5.20 -3.78
C ALA A 216 -4.32 6.51 -4.05
N GLN A 217 -4.74 7.22 -3.01
CA GLN A 217 -5.36 8.59 -3.12
C GLN A 217 -4.55 9.58 -3.94
N GLU A 218 -3.25 9.61 -3.69
CA GLU A 218 -2.40 10.50 -4.41
C GLU A 218 -2.38 10.13 -5.91
N VAL A 219 -2.58 8.84 -6.23
CA VAL A 219 -2.72 8.39 -7.63
C VAL A 219 -3.98 8.93 -8.28
N PHE A 220 -5.10 8.87 -7.58
CA PHE A 220 -6.29 9.59 -8.01
C PHE A 220 -6.16 11.11 -8.24
N PHE A 221 -5.38 11.80 -7.39
CA PHE A 221 -5.07 13.24 -7.56
C PHE A 221 -4.20 13.43 -8.78
N LEU A 222 -3.24 12.54 -8.97
CA LEU A 222 -2.41 12.64 -10.17
C LEU A 222 -3.24 12.36 -11.45
N LYS A 223 -4.09 11.34 -11.41
CA LYS A 223 -5.06 11.09 -12.49
C LYS A 223 -5.96 12.29 -12.77
N ALA A 224 -6.49 12.92 -11.72
CA ALA A 224 -7.40 14.06 -11.90
C ALA A 224 -6.66 15.23 -12.48
N THR A 225 -5.45 15.46 -12.00
CA THR A 225 -4.61 16.52 -12.53
C THR A 225 -4.31 16.27 -14.00
N ARG A 226 -4.03 15.01 -14.33
CA ARG A 226 -3.52 14.71 -15.67
C ARG A 226 -4.63 15.00 -16.66
N ASP A 227 -5.82 14.50 -16.33
CA ASP A 227 -7.03 14.66 -17.10
C ASP A 227 -7.59 16.09 -17.08
N LYS A 228 -6.77 17.04 -16.64
CA LYS A 228 -7.20 18.42 -16.32
C LYS A 228 -8.65 18.47 -15.83
N MET A 229 -8.97 17.81 -14.73
CA MET A 229 -10.35 17.95 -14.19
C MET A 229 -10.61 19.27 -13.43
N LYS A 230 -11.82 19.39 -12.85
CA LYS A 230 -12.23 20.62 -12.18
C LYS A 230 -11.41 20.85 -10.91
N ASP A 231 -10.69 21.97 -10.88
CA ASP A 231 -9.88 22.36 -9.71
C ASP A 231 -10.59 22.17 -8.38
N ALA A 232 -11.90 22.34 -8.33
CA ALA A 232 -12.63 22.01 -7.09
C ALA A 232 -12.53 20.52 -6.68
N ILE A 233 -12.59 19.63 -7.67
CA ILE A 233 -12.45 18.21 -7.45
C ILE A 233 -11.00 17.90 -7.11
N ILE A 234 -10.09 18.54 -7.82
CA ILE A 234 -8.72 18.19 -7.61
C ILE A 234 -8.28 18.56 -6.19
N ALA A 235 -8.81 19.68 -5.67
CA ALA A 235 -8.50 20.17 -4.34
C ALA A 235 -9.03 19.23 -3.28
N LYS A 236 -10.25 18.74 -3.44
CA LYS A 236 -10.88 17.75 -2.56
C LYS A 236 -10.14 16.41 -2.48
N LEU A 237 -9.63 15.93 -3.61
CA LEU A 237 -8.79 14.74 -3.63
C LEU A 237 -7.39 14.93 -3.01
N ALA A 238 -6.75 16.07 -3.24
CA ALA A 238 -5.53 16.41 -2.50
C ALA A 238 -5.74 16.59 -0.99
N ASN A 239 -6.92 17.12 -0.57
CA ASN A 239 -7.18 17.41 0.84
C ASN A 239 -7.30 16.06 1.58
N GLN A 240 -7.90 15.09 0.89
CA GLN A 240 -8.09 13.76 1.49
C GLN A 240 -6.72 13.01 1.52
N ALA A 241 -5.92 13.16 0.49
CA ALA A 241 -4.57 12.61 0.52
C ALA A 241 -3.79 13.14 1.71
N ALA A 242 -3.82 14.45 1.93
CA ALA A 242 -3.17 15.09 3.09
C ALA A 242 -3.60 14.45 4.41
N ASP A 243 -4.89 14.14 4.59
CA ASP A 243 -5.42 13.44 5.77
C ASP A 243 -4.84 12.04 5.97
N TYR A 244 -4.75 11.29 4.89
CA TYR A 244 -4.20 9.94 5.00
C TYR A 244 -2.68 9.99 5.27
N PHE A 245 -1.95 10.90 4.63
CA PHE A 245 -0.54 11.03 4.89
C PHE A 245 -0.25 11.56 6.30
N GLY A 246 -1.15 12.44 6.82
CA GLY A 246 -1.00 13.02 8.16
C GLY A 246 -1.13 11.97 9.21
N ASP A 247 -2.19 11.19 9.13
CA ASP A 247 -2.45 10.14 10.05
C ASP A 247 -1.37 9.07 10.02
N ALA A 248 -0.86 8.72 8.82
CA ALA A 248 0.26 7.76 8.77
C ALA A 248 1.55 8.25 9.47
N PHE A 249 2.00 9.48 9.21
CA PHE A 249 3.21 9.90 9.88
C PHE A 249 3.07 9.98 11.39
N LYS A 250 1.88 10.33 11.85
CA LYS A 250 1.57 10.44 13.29
C LYS A 250 1.58 9.04 13.90
N GLN A 251 1.35 8.02 13.08
CA GLN A 251 1.55 6.63 13.51
C GLN A 251 3.01 6.22 13.58
N CYS A 252 3.90 6.92 12.87
CA CYS A 252 5.37 6.64 12.88
C CYS A 252 6.18 7.49 13.81
N GLN A 253 5.52 8.50 14.36
CA GLN A 253 6.14 9.57 15.09
C GLN A 253 6.94 9.09 16.30
N TYR A 254 6.43 8.10 17.04
CA TYR A 254 7.12 7.58 18.21
C TYR A 254 7.66 6.14 18.05
N LYS A 255 7.77 5.69 16.78
CA LYS A 255 8.20 4.33 16.41
C LYS A 255 9.39 4.39 15.48
N ASP A 256 10.21 3.33 15.53
CA ASP A 256 11.32 3.20 14.64
C ASP A 256 11.32 1.79 14.00
N THR A 257 10.13 1.23 13.78
CA THR A 257 9.97 -0.05 13.09
C THR A 257 10.30 0.05 11.59
N LEU A 258 9.69 1.02 10.91
CA LEU A 258 9.84 1.15 9.44
C LEU A 258 11.19 1.79 9.12
N PRO A 259 11.65 1.67 7.85
CA PRO A 259 12.90 2.26 7.44
C PRO A 259 12.89 3.79 7.60
N LYS A 260 14.07 4.39 7.79
CA LYS A 260 14.18 5.79 8.24
C LYS A 260 13.70 6.83 7.23
N GLU A 261 13.53 6.44 5.98
CA GLU A 261 13.01 7.36 4.96
C GLU A 261 11.52 7.52 5.08
N VAL A 262 10.84 6.57 5.71
CA VAL A 262 9.39 6.52 5.64
C VAL A 262 8.80 7.74 6.35
N PHE A 263 9.22 8.01 7.59
CA PHE A 263 8.62 9.12 8.35
C PHE A 263 8.72 10.50 7.63
N PRO A 264 9.93 10.94 7.29
CA PRO A 264 10.11 12.19 6.57
C PRO A 264 9.44 12.28 5.20
N VAL A 265 9.36 11.18 4.42
CA VAL A 265 8.59 11.18 3.16
C VAL A 265 7.09 11.43 3.41
N LEU A 266 6.53 10.77 4.44
CA LEU A 266 5.11 10.99 4.85
C LEU A 266 4.74 12.39 5.39
N ALA A 267 5.61 12.94 6.24
CA ALA A 267 5.53 14.30 6.74
C ALA A 267 5.49 15.31 5.58
N ALA A 268 6.40 15.13 4.63
CA ALA A 268 6.51 16.04 3.49
C ALA A 268 5.30 15.95 2.56
N LYS A 269 4.92 14.72 2.17
CA LYS A 269 3.71 14.47 1.39
C LYS A 269 2.46 15.04 2.06
N HIS A 270 2.31 14.86 3.37
CA HIS A 270 1.28 15.61 4.10
C HIS A 270 1.23 17.11 3.77
N CYS A 271 2.37 17.78 3.85
CA CYS A 271 2.41 19.23 3.56
C CYS A 271 2.35 19.51 2.07
N ILE A 272 2.92 18.64 1.24
CA ILE A 272 2.86 18.79 -0.23
C ILE A 272 1.39 18.67 -0.64
N MET A 273 0.67 17.74 -0.05
CA MET A 273 -0.71 17.57 -0.41
C MET A 273 -1.64 18.72 0.10
N GLN A 274 -1.36 19.27 1.28
CA GLN A 274 -2.20 20.41 1.80
C GLN A 274 -1.98 21.62 0.87
N ALA A 275 -0.76 21.75 0.39
CA ALA A 275 -0.41 22.83 -0.49
C ALA A 275 -1.07 22.70 -1.88
N ASN A 276 -1.13 21.49 -2.44
CA ASN A 276 -1.86 21.22 -3.70
C ASN A 276 -3.35 21.49 -3.50
N ALA A 277 -3.86 21.10 -2.36
CA ALA A 277 -5.25 21.44 -2.02
C ALA A 277 -5.44 22.98 -2.09
N GLU A 278 -4.53 23.73 -1.44
CA GLU A 278 -4.69 25.19 -1.33
C GLU A 278 -4.52 25.84 -2.72
N TYR A 279 -3.53 25.37 -3.47
CA TYR A 279 -3.25 25.83 -4.81
C TYR A 279 -4.41 25.64 -5.80
N HIS A 280 -5.01 24.45 -5.83
CA HIS A 280 -6.16 24.24 -6.70
C HIS A 280 -7.40 24.97 -6.24
N GLN A 281 -7.55 25.13 -4.92
CA GLN A 281 -8.69 25.88 -4.39
C GLN A 281 -8.54 27.35 -4.74
N SER A 282 -7.29 27.80 -4.86
CA SER A 282 -7.08 29.15 -5.19
C SER A 282 -7.32 29.47 -6.67
N ILE A 283 -7.32 28.46 -7.55
CA ILE A 283 -7.65 28.64 -8.96
C ILE A 283 -9.18 28.77 -9.05
N LEU A 284 -9.89 27.97 -8.25
CA LEU A 284 -11.35 28.06 -8.16
C LEU A 284 -11.76 29.50 -7.73
N ALA A 285 -11.25 29.95 -6.58
CA ALA A 285 -11.37 31.34 -6.12
C ALA A 285 -11.07 32.41 -7.17
N LYS A 286 -9.95 32.31 -7.89
CA LYS A 286 -9.66 33.27 -8.94
C LYS A 286 -10.82 33.26 -9.96
N GLN A 287 -11.22 32.07 -10.42
CA GLN A 287 -12.30 31.95 -11.41
C GLN A 287 -13.59 32.63 -10.97
N GLN A 288 -13.79 32.59 -9.67
CA GLN A 288 -14.92 33.21 -9.07
C GLN A 288 -14.64 34.69 -8.72
N LYS A 289 -13.48 35.21 -9.13
CA LYS A 289 -13.09 36.61 -8.87
C LYS A 289 -12.86 36.97 -7.38
N LYS A 290 -12.46 35.98 -6.58
CA LYS A 290 -12.33 36.18 -5.14
C LYS A 290 -10.85 36.26 -4.99
N PHE A 291 -10.31 37.44 -5.28
CA PHE A 291 -8.89 37.60 -5.50
C PHE A 291 -8.11 37.70 -4.18
N GLY A 292 -8.73 38.31 -3.19
CA GLY A 292 -8.21 38.30 -1.84
C GLY A 292 -8.05 36.87 -1.33
N GLU A 293 -9.08 36.04 -1.51
CA GLU A 293 -9.03 34.62 -1.11
C GLU A 293 -8.00 33.84 -1.88
N GLU A 294 -7.82 34.15 -3.16
CA GLU A 294 -6.75 33.53 -3.93
C GLU A 294 -5.39 33.78 -3.33
N ILE A 295 -5.15 35.00 -2.88
CA ILE A 295 -3.84 35.41 -2.41
C ILE A 295 -3.61 34.68 -1.09
N ALA A 296 -4.67 34.62 -0.27
CA ALA A 296 -4.60 34.01 1.06
C ALA A 296 -4.30 32.53 0.94
N ARG A 297 -4.90 31.85 -0.04
CA ARG A 297 -4.71 30.41 -0.22
C ARG A 297 -3.36 30.11 -0.79
N LEU A 298 -2.89 30.94 -1.70
CA LEU A 298 -1.56 30.87 -2.30
C LEU A 298 -0.35 31.15 -1.34
N GLN A 299 -0.59 32.06 -0.42
CA GLN A 299 0.34 32.35 0.68
C GLN A 299 0.42 31.12 1.56
N HIS A 300 -0.71 30.47 1.87
CA HIS A 300 -0.71 29.24 2.62
C HIS A 300 0.11 28.15 1.96
N ALA A 301 -0.22 27.87 0.71
CA ALA A 301 0.54 26.93 -0.11
C ALA A 301 2.06 27.20 -0.18
N ALA A 302 2.47 28.47 -0.30
CA ALA A 302 3.90 28.83 -0.41
C ALA A 302 4.59 28.61 0.92
N GLU A 303 3.85 28.79 2.00
CA GLU A 303 4.43 28.61 3.31
C GLU A 303 4.68 27.14 3.62
N LEU A 304 3.68 26.33 3.33
CA LEU A 304 3.74 24.88 3.41
C LEU A 304 4.88 24.33 2.58
N ILE A 305 4.97 24.74 1.31
CA ILE A 305 6.04 24.26 0.41
C ILE A 305 7.47 24.74 0.78
N LYS A 306 7.56 25.97 1.24
CA LYS A 306 8.81 26.45 1.80
C LYS A 306 9.24 25.63 3.03
N THR A 307 8.27 25.15 3.80
CA THR A 307 8.62 24.30 4.95
C THR A 307 9.21 22.93 4.52
N VAL A 308 8.67 22.36 3.47
CA VAL A 308 9.12 21.08 2.91
C VAL A 308 10.50 21.21 2.25
N ALA A 309 10.68 22.23 1.41
CA ALA A 309 12.00 22.59 0.89
C ALA A 309 13.08 22.77 1.95
N SER A 310 12.77 23.35 3.09
CA SER A 310 13.81 23.59 4.10
C SER A 310 14.02 22.40 5.04
N ARG A 311 12.94 21.67 5.33
CA ARG A 311 12.97 20.52 6.24
C ARG A 311 13.28 19.19 5.58
N TYR A 312 12.75 18.98 4.37
CA TYR A 312 12.76 17.64 3.72
C TYR A 312 13.45 17.57 2.34
N ASP A 313 14.44 18.45 2.15
CA ASP A 313 15.29 18.55 0.93
C ASP A 313 15.98 17.26 0.47
N GLU A 314 16.34 16.38 1.41
CA GLU A 314 16.90 15.07 1.07
C GLU A 314 15.89 14.11 0.42
N TYR A 315 14.59 14.38 0.54
CA TYR A 315 13.57 13.39 0.22
C TYR A 315 12.64 13.75 -0.91
N VAL A 316 12.43 15.05 -1.15
CA VAL A 316 11.49 15.50 -2.18
C VAL A 316 12.08 16.68 -2.93
N ASN A 317 11.65 16.85 -4.17
CA ASN A 317 12.12 17.92 -5.05
C ASN A 317 10.91 18.79 -5.41
N VAL A 318 10.83 19.95 -4.79
CA VAL A 318 9.57 20.67 -4.73
C VAL A 318 9.70 22.02 -5.50
N LYS A 319 10.82 22.16 -6.19
CA LYS A 319 11.26 23.40 -6.83
C LYS A 319 10.25 24.00 -7.81
N ASP A 320 9.67 23.19 -8.69
CA ASP A 320 8.83 23.70 -9.78
C ASP A 320 7.42 24.08 -9.33
N PHE A 321 6.96 23.43 -8.26
CA PHE A 321 5.72 23.75 -7.61
C PHE A 321 5.89 25.06 -6.88
N SER A 322 6.97 25.21 -6.14
CA SER A 322 7.29 26.47 -5.55
C SER A 322 7.20 27.60 -6.57
N ASP A 323 7.78 27.40 -7.77
CA ASP A 323 7.77 28.40 -8.86
C ASP A 323 6.39 28.69 -9.43
N LYS A 324 5.68 27.65 -9.82
CA LYS A 324 4.28 27.76 -10.15
C LYS A 324 3.55 28.62 -9.10
N ILE A 325 3.63 28.26 -7.81
CA ILE A 325 2.99 29.03 -6.71
C ILE A 325 3.47 30.49 -6.64
N ASN A 326 4.78 30.71 -6.56
CA ASN A 326 5.38 32.02 -6.59
C ASN A 326 5.03 32.88 -7.82
N ARG A 327 5.10 32.30 -9.02
CA ARG A 327 4.68 33.01 -10.22
C ARG A 327 3.23 33.48 -10.01
N ALA A 328 2.39 32.65 -9.42
CA ALA A 328 0.96 32.95 -9.36
C ALA A 328 0.59 33.97 -8.26
N LEU A 329 1.38 33.93 -7.20
CA LEU A 329 1.14 34.75 -6.04
C LEU A 329 1.56 36.17 -6.40
N ALA A 330 2.70 36.28 -7.09
CA ALA A 330 3.26 37.54 -7.54
C ALA A 330 2.33 38.28 -8.53
N ALA A 331 1.78 37.54 -9.49
CA ALA A 331 0.81 38.13 -10.42
C ALA A 331 -0.48 38.55 -9.69
N ALA A 332 -0.88 37.75 -8.71
CA ALA A 332 -2.11 37.98 -7.97
C ALA A 332 -2.03 39.23 -7.10
N LYS A 333 -0.95 39.35 -6.35
CA LYS A 333 -0.73 40.52 -5.49
C LYS A 333 -0.65 41.82 -6.29
N LYS A 334 0.09 41.79 -7.39
CA LYS A 334 0.32 42.94 -8.28
C LYS A 334 -0.98 43.56 -8.76
N ASP A 335 -1.89 42.70 -9.19
CA ASP A 335 -3.14 43.15 -9.73
C ASP A 335 -4.14 43.49 -8.69
N ASN A 336 -4.12 42.79 -7.57
CA ASN A 336 -4.97 43.19 -6.45
C ASN A 336 -4.57 44.58 -5.85
N ASP A 337 -3.28 44.81 -5.78
CA ASP A 337 -2.73 46.05 -5.21
C ASP A 337 -3.05 47.22 -6.15
N PHE A 338 -2.91 46.97 -7.47
CA PHE A 338 -3.11 47.98 -8.48
C PHE A 338 -4.57 48.17 -8.95
N ILE A 339 -5.40 47.13 -8.91
CA ILE A 339 -6.71 47.16 -9.56
C ILE A 339 -7.84 46.92 -8.62
N TYR A 340 -7.82 45.75 -7.99
CA TYR A 340 -9.01 45.23 -7.35
C TYR A 340 -9.17 45.69 -5.90
N HIS A 341 -8.06 45.78 -5.19
CA HIS A 341 -8.04 46.09 -3.76
C HIS A 341 -8.89 45.22 -2.83
N ASP A 342 -9.04 43.92 -3.15
CA ASP A 342 -9.71 42.97 -2.22
C ASP A 342 -8.94 42.92 -0.91
N ARG A 343 -9.65 42.68 0.17
CA ARG A 343 -8.99 42.45 1.46
C ARG A 343 -8.48 41.01 1.42
N VAL A 344 -7.24 40.78 1.84
CA VAL A 344 -6.75 39.41 1.95
C VAL A 344 -7.22 38.87 3.30
N PRO A 345 -8.06 37.85 3.27
CA PRO A 345 -8.62 37.26 4.48
C PRO A 345 -7.55 36.51 5.29
N ASP A 346 -7.86 36.27 6.56
CA ASP A 346 -7.06 35.38 7.40
C ASP A 346 -7.48 33.96 7.07
N LEU A 347 -6.56 32.99 7.18
CA LEU A 347 -6.88 31.57 6.86
C LEU A 347 -8.05 31.04 7.65
N LYS A 348 -8.12 31.36 8.94
CA LYS A 348 -9.22 30.86 9.81
C LYS A 348 -10.58 31.42 9.46
N ASP A 349 -10.60 32.45 8.62
CA ASP A 349 -11.85 32.93 8.07
C ASP A 349 -12.24 32.30 6.73
N LEU A 350 -11.32 31.58 6.08
CA LEU A 350 -11.70 30.84 4.85
C LEU A 350 -12.62 29.61 5.13
N ASP A 351 -13.36 29.17 4.12
CA ASP A 351 -14.16 27.94 4.30
C ASP A 351 -13.18 26.76 4.28
N PRO A 352 -13.53 25.62 4.87
CA PRO A 352 -12.65 24.45 4.76
C PRO A 352 -12.78 23.88 3.35
N ILE A 353 -11.65 23.45 2.77
CA ILE A 353 -11.65 22.68 1.52
C ILE A 353 -12.30 21.35 1.91
N GLY A 354 -13.24 20.90 1.08
CA GLY A 354 -13.79 19.55 1.28
C GLY A 354 -12.79 18.42 1.00
N LYS A 355 -13.28 17.19 1.15
CA LYS A 355 -12.46 15.98 1.01
C LYS A 355 -13.23 14.98 0.20
N ALA A 356 -12.59 14.39 -0.80
CA ALA A 356 -13.20 13.32 -1.60
C ALA A 356 -12.29 12.08 -1.58
N THR A 357 -12.75 10.97 -1.00
CA THR A 357 -11.99 9.71 -1.06
C THR A 357 -12.46 8.73 -2.13
N LEU A 358 -11.52 8.28 -2.95
CA LEU A 358 -11.82 7.46 -4.10
C LEU A 358 -11.20 6.09 -4.00
N VAL A 359 -10.97 5.68 -2.75
CA VAL A 359 -9.94 4.72 -2.44
C VAL A 359 -10.40 3.87 -1.27
N LYS A 360 -10.27 2.55 -1.40
CA LYS A 360 -10.49 1.67 -0.24
C LYS A 360 -9.51 0.51 -0.16
N SER A 361 -9.46 -0.12 1.00
CA SER A 361 -8.65 -1.28 1.22
C SER A 361 -9.37 -2.45 0.57
N THR A 362 -8.84 -2.99 -0.53
CA THR A 362 -9.42 -4.14 -1.20
C THR A 362 -9.47 -5.33 -0.24
N PRO A 363 -10.68 -5.80 0.12
CA PRO A 363 -10.82 -6.99 0.98
C PRO A 363 -10.15 -8.22 0.37
N VAL A 364 -9.68 -9.11 1.23
CA VAL A 364 -9.07 -10.36 0.80
C VAL A 364 -10.14 -11.45 0.89
N ASN A 365 -10.71 -11.82 -0.25
CA ASN A 365 -11.67 -12.93 -0.30
C ASN A 365 -11.22 -14.01 -1.28
N VAL A 366 -10.52 -15.02 -0.78
CA VAL A 366 -9.99 -16.11 -1.62
C VAL A 366 -11.09 -16.72 -2.52
N PRO A 367 -10.78 -16.98 -3.79
CA PRO A 367 -9.45 -16.81 -4.33
C PRO A 367 -9.12 -15.37 -4.76
N ILE A 368 -7.86 -14.98 -4.56
CA ILE A 368 -7.36 -13.68 -4.94
C ILE A 368 -6.45 -13.78 -6.19
N SER A 369 -6.16 -15.00 -6.62
CA SER A 369 -5.40 -15.23 -7.85
C SER A 369 -6.33 -15.44 -9.05
N GLN A 370 -5.80 -15.20 -10.24
CA GLN A 370 -6.55 -15.40 -11.47
C GLN A 370 -6.58 -16.87 -11.89
N LYS A 371 -7.79 -17.33 -12.26
CA LYS A 371 -8.00 -18.67 -12.83
C LYS A 371 -7.39 -19.66 -11.86
N PHE A 372 -7.95 -19.66 -10.64
CA PHE A 372 -7.45 -20.48 -9.54
C PHE A 372 -8.03 -21.86 -9.62
N THR A 373 -7.16 -22.87 -9.47
CA THR A 373 -7.58 -24.26 -9.34
C THR A 373 -6.96 -24.89 -8.09
N ASP A 374 -7.82 -25.40 -7.20
CA ASP A 374 -7.36 -26.10 -6.02
C ASP A 374 -6.83 -27.48 -6.36
N LEU A 375 -5.50 -27.65 -6.24
CA LEU A 375 -4.81 -28.93 -6.47
C LEU A 375 -5.38 -30.12 -5.70
N PHE A 376 -6.04 -29.83 -4.57
CA PHE A 376 -6.60 -30.82 -3.68
C PHE A 376 -8.12 -30.67 -3.62
N GLU A 377 -8.76 -30.45 -4.76
CA GLU A 377 -10.21 -30.21 -4.78
C GLU A 377 -11.01 -31.52 -4.73
N LYS A 378 -10.32 -32.64 -4.94
CA LYS A 378 -10.95 -33.97 -4.89
C LYS A 378 -11.27 -34.34 -3.45
N MET A 379 -10.28 -34.17 -2.58
CA MET A 379 -10.40 -34.42 -1.14
C MET A 379 -11.63 -33.76 -0.51
N GLU B 1 -18.40 17.29 -10.54
CA GLU B 1 -18.77 17.24 -9.10
C GLU B 1 -19.07 15.80 -8.66
N ASP B 2 -20.30 15.56 -8.17
CA ASP B 2 -20.74 14.22 -7.79
C ASP B 2 -20.57 13.18 -8.91
N ASP B 3 -20.80 13.59 -10.16
CA ASP B 3 -20.73 12.66 -11.31
C ASP B 3 -19.35 12.58 -11.96
N ASP B 4 -18.46 13.49 -11.57
CA ASP B 4 -17.07 13.43 -12.01
C ASP B 4 -16.22 12.54 -11.10
N ILE B 5 -16.61 12.46 -9.82
CA ILE B 5 -16.13 11.44 -8.88
C ILE B 5 -16.57 10.04 -9.34
N LYS B 6 -17.84 9.92 -9.72
CA LYS B 6 -18.39 8.66 -10.22
C LYS B 6 -17.57 8.05 -11.36
N GLN B 7 -17.11 8.88 -12.29
CA GLN B 7 -16.37 8.42 -13.46
C GLN B 7 -14.90 8.13 -13.17
N LEU B 8 -14.31 8.90 -12.25
CA LEU B 8 -13.01 8.57 -11.68
C LEU B 8 -13.04 7.21 -11.00
N ALA B 9 -14.04 7.01 -10.15
CA ALA B 9 -14.21 5.79 -9.40
C ALA B 9 -14.38 4.58 -10.32
N ALA B 10 -15.14 4.77 -11.40
CA ALA B 10 -15.43 3.68 -12.33
C ALA B 10 -14.25 3.42 -13.27
N TRP B 11 -13.42 4.43 -13.51
CA TRP B 11 -12.14 4.24 -14.23
C TRP B 11 -11.20 3.27 -13.51
N ALA B 12 -11.37 3.16 -12.20
CA ALA B 12 -10.44 2.41 -11.36
C ALA B 12 -10.71 0.93 -11.40
N THR B 13 -11.96 0.57 -11.76
CA THR B 13 -12.36 -0.81 -12.07
C THR B 13 -11.56 -1.40 -13.27
C1 GOL C . -5.26 -8.57 -7.97
O1 GOL C . -5.39 -9.08 -9.28
C2 GOL C . -3.91 -7.87 -7.86
O2 GOL C . -3.16 -8.50 -6.85
C3 GOL C . -4.06 -6.38 -7.56
O3 GOL C . -4.60 -5.67 -8.66
#